data_3M8D
#
_entry.id   3M8D
#
_cell.length_a   82.051
_cell.length_b   82.051
_cell.length_c   224.457
_cell.angle_alpha   90.00
_cell.angle_beta   90.00
_cell.angle_gamma   120.00
#
_symmetry.space_group_name_H-M   'P 31 2 1'
#
loop_
_entity.id
_entity.type
_entity.pdbx_description
1 polymer 'Vitamin B12 transporter btuB'
2 non-polymer CYANOCOBALAMIN
3 non-polymer (HYDROXYETHYLOXY)TRI(ETHYLOXY)OCTANE
4 non-polymer 'S-[(1-oxyl-2,2,5,5-tetramethyl-2,5-dihydro-1H-pyrrol-3-yl)methyl] methanesulfonothioate'
5 non-polymer 'CALCIUM ION'
6 water water
#
_entity_poly.entity_id   1
_entity_poly.type   'polypeptide(L)'
_entity_poly.pdbx_seq_one_letter_code
;QDTSPDTLVCTANRFEQPRSTVLAPTTVVTRQDIDRWQSTSVNDVLRRLPGVDITQNGGSGQLSSIFIRGTNASHVLVLI
DGVRLNLAGVSGSADLSQFPIALVQRVEYIRGPRSAVYGSDAIGGVVNIITTRDEPGTEISAGWGSNSYQNYDVSTQQQL
GDKTRVTLLGDYAHTHGYDVVAYGNTGTQAQTDNDGFLSKTLYGALEHNFTDAWSGFVRGYGYDNRTNYDAYYSPGSPLL
DTRKLYSQSWDAGLRYNGELIKSQLITSYSHSKDYNYDPHYGRYDSSATLDEMKQYTVQWANNVIVGHGSIGAGVDWQKQ
TTTPGTGYVEDGYDQRNTGIYLTGLQQVGDFTFEGAARSDDNSQFGRHGTWQTSAGWEFIEGYRFIASYGTSYKAPNLGQ
LYGFYGNPNLDPEKSKQWEGAFEGLTAGVNWRISGYRNDVSDLIDYDDHTLKYYNEGKARIKGVEATANFDTGPLTHTVS
YDYVDARNAITDTPLLRRAKQQVKYQLDWQLYDFDWGITYQYLGTRYDKDYSSYPYQTVKMGGVSLWDLAVAYPVTSHLT
VRGKIANLFDKDYETVYGYQTAGREYTLSGSYTF
;
_entity_poly.pdbx_strand_id   A
#
# COMPACT_ATOMS: atom_id res chain seq x y z
N THR A 7 -19.44 8.95 4.00
CA THR A 7 -18.56 8.08 4.82
C THR A 7 -17.26 8.87 5.21
N LEU A 8 -16.61 8.50 6.31
CA LEU A 8 -15.54 9.33 6.86
C LEU A 8 -14.17 8.87 6.41
N VAL A 9 -13.23 9.82 6.32
CA VAL A 9 -11.82 9.48 6.18
C VAL A 9 -11.04 10.35 7.16
N CYS A 10 -9.91 9.85 7.64
CA CYS A 10 -9.06 10.72 8.40
C CYS A 10 -7.66 10.68 7.93
N THR A 11 -7.44 10.40 6.64
CA THR A 11 -6.08 10.20 6.14
C THR A 11 -5.63 11.43 5.37
N ALA A 12 -6.58 12.23 4.95
CA ALA A 12 -6.25 13.41 4.18
C ALA A 12 -5.56 14.52 5.01
N ASN A 13 -6.03 14.75 6.24
CA ASN A 13 -5.38 15.65 7.16
C ASN A 13 -5.14 15.12 8.61
N ARG A 14 -5.12 13.79 8.74
CA ARG A 14 -4.97 13.07 10.02
C ARG A 14 -6.23 13.05 10.90
N PHE A 15 -7.24 13.87 10.58
CA PHE A 15 -8.48 13.89 11.35
C PHE A 15 -9.74 13.55 10.51
N GLU A 16 -10.73 12.98 11.17
CA GLU A 16 -12.04 12.63 10.61
C GLU A 16 -12.67 13.79 9.78
N GLN A 17 -12.90 13.55 8.50
CA GLN A 17 -13.69 14.49 7.69
C GLN A 17 -14.56 13.74 6.68
N PRO A 18 -15.61 14.38 6.20
CA PRO A 18 -16.43 13.69 5.15
C PRO A 18 -15.63 13.62 3.87
N ARG A 19 -15.74 12.53 3.14
CA ARG A 19 -15.04 12.32 1.87
C ARG A 19 -15.29 13.36 0.74
N SER A 20 -16.54 13.86 0.69
CA SER A 20 -16.99 14.86 -0.25
C SER A 20 -16.15 16.11 -0.02
N THR A 21 -15.68 16.23 1.20
CA THR A 21 -14.83 17.35 1.55
C THR A 21 -13.35 17.22 1.10
N VAL A 22 -12.90 15.99 0.82
CA VAL A 22 -11.55 15.78 0.37
C VAL A 22 -11.52 15.90 -1.11
N LEU A 23 -10.89 16.93 -1.67
CA LEU A 23 -10.86 17.15 -3.10
C LEU A 23 -10.04 16.17 -3.92
N ALA A 24 -9.00 15.59 -3.35
CA ALA A 24 -8.16 14.64 -4.04
C ALA A 24 -9.01 13.33 -4.18
N PRO A 25 -8.79 12.57 -5.25
CA PRO A 25 -9.53 11.32 -5.36
C PRO A 25 -9.15 10.35 -4.29
N THR A 26 -10.17 9.63 -3.81
CA THR A 26 -10.13 8.87 -2.59
C THR A 26 -10.93 7.54 -2.68
N THR A 27 -10.40 6.48 -2.08
CA THR A 27 -11.00 5.17 -2.09
C THR A 27 -10.95 4.57 -0.69
N VAL A 28 -12.03 3.92 -0.30
CA VAL A 28 -12.09 3.35 1.03
C VAL A 28 -12.50 1.92 0.88
N VAL A 29 -11.70 0.99 1.39
CA VAL A 29 -12.03 -0.41 1.45
C VAL A 29 -12.33 -0.70 2.89
N THR A 30 -13.47 -1.37 3.11
CA THR A 30 -13.88 -1.77 4.44
C THR A 30 -13.59 -3.24 4.62
N ARG A 31 -13.74 -3.70 5.86
CA ARG A 31 -13.55 -5.13 6.12
C ARG A 31 -14.59 -5.92 5.36
N GLN A 32 -15.81 -5.37 5.27
CA GLN A 32 -16.92 -6.06 4.57
C GLN A 32 -16.50 -6.32 3.13
N ASP A 33 -15.91 -5.33 2.48
CA ASP A 33 -15.39 -5.52 1.14
C ASP A 33 -14.37 -6.66 1.05
N ILE A 34 -13.37 -6.64 1.93
CA ILE A 34 -12.29 -7.61 1.94
C ILE A 34 -12.85 -9.01 2.18
N ASP A 35 -13.73 -9.17 3.15
CA ASP A 35 -14.38 -10.47 3.35
C ASP A 35 -15.11 -10.97 2.09
N ARG A 36 -15.84 -10.09 1.40
CA ARG A 36 -16.58 -10.53 0.19
C ARG A 36 -15.63 -10.92 -0.95
N TRP A 37 -14.55 -10.13 -1.10
CA TRP A 37 -13.57 -10.38 -2.15
C TRP A 37 -12.77 -11.67 -1.84
N GLN A 38 -12.72 -12.06 -0.56
CA GLN A 38 -11.96 -13.19 -0.08
C GLN A 38 -10.50 -13.04 -0.41
N SER A 39 -10.04 -11.81 -0.27
CA SER A 39 -8.70 -11.47 -0.58
C SER A 39 -7.79 -12.17 0.43
N THR A 40 -6.79 -12.92 -0.05
CA THR A 40 -5.78 -13.47 0.88
C THR A 40 -4.44 -12.75 0.92
N SER A 41 -4.41 -11.52 0.42
CA SER A 41 -3.24 -10.64 0.54
C SER A 41 -3.68 -9.20 0.36
N VAL A 42 -2.80 -8.27 0.68
CA VAL A 42 -3.04 -6.86 0.51
C VAL A 42 -2.93 -6.50 -0.94
N ASN A 43 -2.06 -7.22 -1.63
CA ASN A 43 -1.90 -7.00 -3.04
C ASN A 43 -3.25 -7.13 -3.73
N ASP A 44 -3.94 -8.22 -3.47
CA ASP A 44 -5.23 -8.44 -4.09
C ASP A 44 -6.28 -7.38 -3.75
N VAL A 45 -6.17 -6.78 -2.57
CA VAL A 45 -7.07 -5.71 -2.23
C VAL A 45 -6.71 -4.53 -3.10
N LEU A 46 -5.46 -4.15 -3.03
CA LEU A 46 -4.99 -2.91 -3.65
C LEU A 46 -5.12 -2.90 -5.16
N ARG A 47 -4.83 -4.04 -5.80
CA ARG A 47 -4.78 -4.13 -7.27
C ARG A 47 -6.05 -3.64 -7.87
N ARG A 48 -7.13 -3.70 -7.08
CA ARG A 48 -8.50 -3.46 -7.61
C ARG A 48 -8.94 -1.99 -7.65
N LEU A 49 -8.06 -1.13 -7.12
CA LEU A 49 -8.42 0.23 -6.88
C LEU A 49 -7.88 1.13 -8.00
N PRO A 50 -8.44 2.34 -8.16
CA PRO A 50 -7.95 3.26 -9.20
C PRO A 50 -6.48 3.71 -9.09
N GLY A 51 -5.82 3.72 -10.25
CA GLY A 51 -4.51 4.22 -10.37
C GLY A 51 -3.44 3.31 -9.81
N VAL A 52 -3.83 2.10 -9.34
CA VAL A 52 -2.86 1.14 -8.73
C VAL A 52 -2.41 0.09 -9.70
N ASP A 53 -1.11 -0.04 -9.87
CA ASP A 53 -0.52 -1.07 -10.74
C ASP A 53 0.47 -1.97 -9.96
N ILE A 54 0.12 -3.21 -9.73
CA ILE A 54 0.91 -4.07 -8.87
C ILE A 54 1.66 -5.05 -9.72
N THR A 55 2.97 -5.20 -9.48
CA THR A 55 3.70 -6.30 -10.07
C THR A 55 4.31 -7.20 -9.04
N GLN A 56 4.43 -8.47 -9.41
CA GLN A 56 4.92 -9.46 -8.48
C GLN A 56 5.93 -10.39 -9.14
N ASN A 57 6.95 -10.73 -8.37
CA ASN A 57 7.98 -11.67 -8.73
C ASN A 57 7.60 -13.09 -8.33
N GLY A 58 6.42 -13.52 -8.71
CA GLY A 58 5.93 -14.80 -8.22
C GLY A 58 4.47 -14.72 -7.85
N GLY A 59 4.11 -15.35 -6.75
CA GLY A 59 2.76 -15.33 -6.25
C GLY A 59 2.82 -14.97 -4.78
N SER A 60 2.01 -15.62 -3.98
CA SER A 60 1.84 -15.19 -2.60
C SER A 60 3.23 -15.28 -1.99
N GLY A 61 3.57 -14.22 -1.26
CA GLY A 61 4.73 -14.23 -0.39
C GLY A 61 6.00 -13.75 -1.05
N GLN A 62 5.97 -13.59 -2.37
CA GLN A 62 7.10 -13.15 -3.15
C GLN A 62 6.99 -11.65 -3.36
N LEU A 63 8.07 -10.97 -3.69
CA LEU A 63 8.15 -9.55 -3.64
C LEU A 63 7.16 -8.99 -4.58
N SER A 64 6.45 -7.98 -4.13
CA SER A 64 5.57 -7.21 -4.97
C SER A 64 5.90 -5.69 -4.89
N SER A 65 5.67 -4.96 -5.96
CA SER A 65 5.87 -3.53 -5.98
C SER A 65 4.53 -2.87 -6.38
N ILE A 66 4.28 -1.67 -5.89
CA ILE A 66 3.09 -0.90 -6.21
C ILE A 66 3.56 0.32 -6.98
N PHE A 67 2.99 0.60 -8.14
CA PHE A 67 3.19 1.82 -8.86
C PHE A 67 1.85 2.54 -8.88
N ILE A 68 1.75 3.60 -8.10
CA ILE A 68 0.61 4.46 -8.08
C ILE A 68 0.75 5.55 -9.15
N ARG A 69 -0.21 5.62 -10.06
CA ARG A 69 -0.20 6.66 -11.10
C ARG A 69 1.13 6.85 -11.78
N GLY A 70 1.82 5.74 -12.06
CA GLY A 70 3.01 5.75 -12.89
C GLY A 70 4.32 6.02 -12.18
N THR A 71 4.23 6.31 -10.89
CA THR A 71 5.41 6.70 -10.11
C THR A 71 6.07 5.45 -9.63
N ASN A 72 7.35 5.57 -9.27
CA ASN A 72 8.16 4.43 -8.84
C ASN A 72 7.62 3.76 -7.62
N ALA A 73 7.97 2.49 -7.45
CA ALA A 73 7.54 1.72 -6.32
C ALA A 73 7.75 2.44 -5.03
N SER A 74 8.88 3.12 -4.88
CA SER A 74 9.19 3.82 -3.65
C SER A 74 8.48 5.18 -3.57
N HIS A 75 7.69 5.53 -4.58
CA HIS A 75 7.05 6.80 -4.60
C HIS A 75 5.61 6.75 -4.14
N VAL A 76 5.30 5.77 -3.28
CA VAL A 76 4.05 5.74 -2.59
C VAL A 76 4.30 5.67 -1.09
N LEU A 77 3.53 6.42 -0.29
CA LEU A 77 3.61 6.35 1.17
C LEU A 77 2.65 5.34 1.65
N VAL A 78 3.15 4.34 2.34
CA VAL A 78 2.35 3.30 2.88
C VAL A 78 2.36 3.51 4.38
N LEU A 79 1.18 3.76 4.96
CA LEU A 79 1.04 3.93 6.40
C LEU A 79 0.34 2.75 7.05
N ILE A 80 0.81 2.30 8.23
CA ILE A 80 0.05 1.29 9.02
C ILE A 80 -0.47 2.07 10.19
N ASP A 81 -1.81 2.22 10.28
CA ASP A 81 -2.40 3.09 11.27
C ASP A 81 -1.63 4.40 11.34
N GLY A 82 -1.42 5.06 10.20
CA GLY A 82 -0.89 6.43 10.19
C GLY A 82 0.60 6.60 10.32
N VAL A 83 1.33 5.50 10.38
CA VAL A 83 2.76 5.51 10.66
C VAL A 83 3.51 4.73 9.61
N ARG A 84 4.56 5.32 9.08
CA ARG A 84 5.24 4.76 7.91
C ARG A 84 5.56 3.30 8.19
N LEU A 85 5.23 2.46 7.21
CA LEU A 85 5.55 1.03 7.28
C LEU A 85 7.04 0.83 7.39
N ASN A 86 7.44 -0.02 8.33
CA ASN A 86 8.85 -0.28 8.54
C ASN A 86 9.43 -1.13 7.41
N LEU A 87 10.34 -0.55 6.64
CA LEU A 87 11.07 -1.32 5.62
C LEU A 87 12.53 -1.50 6.04
N ALA A 88 12.92 -2.74 6.26
CA ALA A 88 14.31 -3.00 6.72
C ALA A 88 15.35 -2.77 5.62
N GLY A 89 14.91 -2.83 4.36
CA GLY A 89 15.73 -3.25 3.20
C GLY A 89 16.96 -2.47 2.71
N VAL A 90 16.84 -1.16 2.64
CA VAL A 90 17.89 -0.39 1.98
C VAL A 90 17.54 -0.17 0.49
N SER A 91 16.54 -0.86 -0.01
CA SER A 91 15.93 -0.38 -1.20
C SER A 91 14.73 0.48 -0.77
N GLY A 92 14.19 1.26 -1.68
CA GLY A 92 13.14 2.21 -1.24
C GLY A 92 11.70 1.67 -1.15
N SER A 93 11.46 0.43 -1.53
CA SER A 93 10.06 0.01 -1.75
C SER A 93 9.52 -1.03 -0.80
N ALA A 94 8.27 -0.76 -0.42
CA ALA A 94 7.51 -1.65 0.43
C ALA A 94 7.33 -2.96 -0.29
N ASP A 95 7.29 -4.06 0.46
CA ASP A 95 6.89 -5.33 -0.03
C ASP A 95 5.59 -5.78 0.66
N LEU A 96 4.45 -5.32 0.14
CA LEU A 96 3.15 -5.67 0.71
C LEU A 96 2.82 -7.18 0.69
N SER A 97 3.58 -7.98 -0.04
CA SER A 97 3.35 -9.39 0.00
C SER A 97 3.32 -9.87 1.45
N GLN A 98 4.09 -9.16 2.30
CA GLN A 98 4.44 -9.63 3.66
C GLN A 98 3.45 -9.21 4.75
N PHE A 99 2.75 -8.11 4.52
CA PHE A 99 1.83 -7.61 5.51
C PHE A 99 0.60 -8.51 5.60
N PRO A 100 0.26 -9.01 6.76
CA PRO A 100 -0.80 -10.04 6.71
C PRO A 100 -2.17 -9.47 6.57
N ILE A 101 -2.96 -9.96 5.62
CA ILE A 101 -4.30 -9.43 5.36
C ILE A 101 -5.22 -9.54 6.57
N ALA A 102 -4.92 -10.52 7.41
CA ALA A 102 -5.69 -10.77 8.62
C ALA A 102 -5.79 -9.52 9.48
N LEU A 103 -4.80 -8.65 9.38
CA LEU A 103 -4.75 -7.46 10.19
C LEU A 103 -5.44 -6.26 9.49
N VAL A 104 -5.75 -6.37 8.21
CA VAL A 104 -6.37 -5.22 7.51
C VAL A 104 -7.87 -5.09 7.80
N GLN A 105 -8.28 -4.03 8.49
CA GLN A 105 -9.71 -3.73 8.75
C GLN A 105 -10.25 -2.55 7.91
N ARG A 106 -9.35 -1.75 7.35
CA ARG A 106 -9.80 -0.66 6.52
C ARG A 106 -8.63 -0.13 5.77
N VAL A 107 -8.84 0.27 4.53
CA VAL A 107 -7.78 0.90 3.78
C VAL A 107 -8.33 2.21 3.32
N GLU A 108 -7.60 3.29 3.59
CA GLU A 108 -7.86 4.61 3.02
C GLU A 108 -6.74 5.00 2.12
N TYR A 109 -7.12 5.32 0.92
CA TYR A 109 -6.17 5.46 -0.17
C TYR A 109 -6.49 6.77 -0.86
N ILE A 110 -5.50 7.65 -0.86
CA ILE A 110 -5.69 8.97 -1.44
C ILE A 110 -4.64 9.22 -2.47
N ARG A 111 -5.06 9.70 -3.60
CA ARG A 111 -4.20 9.80 -4.72
C ARG A 111 -3.74 11.24 -4.89
N GLY A 112 -2.55 11.43 -5.44
CA GLY A 112 -2.02 12.76 -5.63
C GLY A 112 -1.02 13.01 -4.54
N PRO A 113 -0.34 14.11 -4.63
CA PRO A 113 0.72 14.36 -3.61
C PRO A 113 0.17 14.61 -2.24
N ARG A 114 0.97 14.28 -1.24
CA ARG A 114 0.59 14.57 0.12
C ARG A 114 1.81 14.68 1.06
N SER A 115 2.95 15.11 0.51
CA SER A 115 4.16 15.26 1.34
C SER A 115 3.93 16.41 2.36
N ALA A 116 3.07 17.35 1.95
CA ALA A 116 2.70 18.54 2.69
C ALA A 116 1.97 18.24 4.01
N VAL A 117 1.63 16.98 4.22
CA VAL A 117 1.13 16.47 5.48
C VAL A 117 2.03 15.43 6.08
N TYR A 118 2.53 14.50 5.27
CA TYR A 118 3.25 13.34 5.80
C TYR A 118 4.76 13.30 5.58
N GLY A 119 5.27 14.19 4.73
CA GLY A 119 6.69 14.18 4.43
C GLY A 119 7.01 13.25 3.27
N SER A 120 8.06 12.45 3.44
CA SER A 120 8.71 11.72 2.35
C SER A 120 7.87 10.58 1.88
N ASP A 121 7.99 10.27 0.59
CA ASP A 121 7.32 9.16 -0.15
C ASP A 121 5.93 9.43 -0.73
N ALA A 122 5.26 10.50 -0.35
CA ALA A 122 3.84 10.65 -0.68
C ALA A 122 3.74 11.36 -2.01
N ILE A 123 4.30 10.73 -3.05
CA ILE A 123 4.31 11.31 -4.38
C ILE A 123 3.11 10.91 -5.24
N GLY A 124 2.97 9.62 -5.58
CA GLY A 124 1.82 9.19 -6.34
C GLY A 124 0.55 9.24 -5.50
N GLY A 125 0.69 8.95 -4.22
CA GLY A 125 -0.44 8.94 -3.30
C GLY A 125 -0.06 8.37 -1.94
N VAL A 126 -1.09 8.06 -1.15
CA VAL A 126 -0.89 7.53 0.19
C VAL A 126 -1.81 6.35 0.40
N VAL A 127 -1.25 5.27 0.91
CA VAL A 127 -2.09 4.12 1.24
C VAL A 127 -1.99 3.91 2.74
N ASN A 128 -3.11 4.10 3.41
CA ASN A 128 -3.17 3.99 4.87
C ASN A 128 -3.95 2.72 5.22
N ILE A 129 -3.25 1.74 5.77
CA ILE A 129 -3.83 0.47 6.18
C ILE A 129 -4.11 0.52 7.66
N ILE A 130 -5.38 0.43 8.02
CA ILE A 130 -5.84 0.63 9.39
C ILE A 130 -6.15 -0.76 9.99
N THR A 131 -5.77 -0.96 11.26
CA THR A 131 -5.82 -2.26 11.90
C THR A 131 -6.87 -2.38 12.99
N THR A 132 -7.57 -1.28 13.26
CA THR A 132 -8.53 -1.21 14.35
C THR A 132 -9.94 -1.32 13.83
N ARG A 133 -10.61 -2.39 14.24
CA ARG A 133 -12.06 -2.61 14.00
C ARG A 133 -12.86 -2.29 15.25
N ASP A 134 -14.01 -1.63 15.10
CA ASP A 134 -15.02 -1.56 16.16
C ASP A 134 -16.19 -2.53 15.89
N GLU A 135 -16.10 -3.75 16.45
CA GLU A 135 -17.01 -4.85 16.10
C GLU A 135 -16.96 -5.95 17.18
N PRO A 136 -17.84 -5.86 18.21
CA PRO A 136 -17.74 -6.74 19.38
C PRO A 136 -18.08 -8.18 19.07
N GLY A 137 -17.64 -9.09 19.92
CA GLY A 137 -17.92 -10.49 19.74
C GLY A 137 -16.65 -11.18 19.40
N THR A 138 -16.74 -12.47 19.07
CA THR A 138 -15.55 -13.23 18.76
C THR A 138 -15.80 -14.11 17.52
N GLU A 139 -14.79 -14.17 16.64
CA GLU A 139 -14.91 -14.91 15.37
C GLU A 139 -13.83 -15.98 15.33
N ILE A 140 -14.19 -17.16 14.81
CA ILE A 140 -13.24 -18.19 14.38
C ILE A 140 -13.42 -18.38 12.87
N SER A 141 -12.33 -18.51 12.14
CA SER A 141 -12.43 -18.71 10.69
C SER A 141 -11.28 -19.49 10.12
N ALA A 142 -11.44 -19.94 8.88
CA ALA A 142 -10.50 -20.86 8.27
C ALA A 142 -10.77 -21.01 6.80
N GLY A 143 -9.79 -21.56 6.09
CA GLY A 143 -10.00 -21.89 4.69
C GLY A 143 -8.98 -22.90 4.21
N TRP A 144 -9.27 -23.50 3.05
CA TRP A 144 -8.32 -24.37 2.34
C TRP A 144 -8.43 -23.97 0.90
N GLY A 145 -7.44 -24.31 0.10
CA GLY A 145 -7.55 -24.00 -1.31
C GLY A 145 -6.40 -24.57 -2.07
N SER A 146 -6.31 -24.24 -3.35
CA SER A 146 -5.24 -24.75 -4.22
C SER A 146 -3.82 -24.66 -3.64
N ASN A 147 -2.93 -25.56 -4.09
CA ASN A 147 -1.53 -25.59 -3.73
C ASN A 147 -1.32 -25.69 -2.20
N SER A 148 -2.23 -26.43 -1.57
CA SER A 148 -2.24 -26.73 -0.13
C SER A 148 -2.32 -25.48 0.73
N TYR A 149 -3.00 -24.46 0.20
CA TYR A 149 -3.28 -23.23 0.93
C TYR A 149 -4.19 -23.58 2.09
N GLN A 150 -3.88 -23.03 3.25
CA GLN A 150 -4.58 -23.37 4.47
C GLN A 150 -4.59 -22.13 5.41
N ASN A 151 -5.74 -21.81 5.99
CA ASN A 151 -5.88 -20.65 6.91
C ASN A 151 -6.61 -20.99 8.21
N TYR A 152 -6.20 -20.34 9.31
CA TYR A 152 -6.85 -20.45 10.61
C TYR A 152 -6.74 -19.08 11.27
N ASP A 153 -7.80 -18.67 11.96
CA ASP A 153 -7.85 -17.35 12.53
C ASP A 153 -8.82 -17.31 13.69
N VAL A 154 -8.38 -16.72 14.81
CA VAL A 154 -9.26 -16.50 15.96
C VAL A 154 -9.13 -15.04 16.34
N SER A 155 -10.24 -14.44 16.74
CA SER A 155 -10.31 -12.99 16.95
C SER A 155 -11.43 -12.65 17.97
N THR A 156 -11.18 -11.73 18.89
CA THR A 156 -12.19 -11.29 19.83
C THR A 156 -12.06 -9.81 20.14
N GLN A 157 -13.18 -9.12 20.25
CA GLN A 157 -13.20 -7.80 20.85
C GLN A 157 -14.24 -7.79 21.93
N GLN A 158 -13.81 -7.45 23.14
CA GLN A 158 -14.63 -7.55 24.33
C GLN A 158 -14.37 -6.38 25.27
N GLN A 159 -15.42 -5.92 25.95
CA GLN A 159 -15.27 -4.89 26.99
C GLN A 159 -14.69 -5.55 28.26
N LEU A 160 -13.81 -4.82 28.96
CA LEU A 160 -13.23 -5.28 30.20
C LEU A 160 -13.75 -4.41 31.35
N GLY A 161 -15.05 -4.11 31.30
CA GLY A 161 -15.67 -3.23 32.26
C GLY A 161 -15.93 -1.89 31.62
N ASP A 162 -16.22 -0.89 32.44
CA ASP A 162 -16.60 0.41 31.93
C ASP A 162 -15.35 1.07 31.32
N LYS A 163 -15.50 1.55 30.08
CA LYS A 163 -14.54 2.47 29.52
C LYS A 163 -13.28 1.77 28.94
N THR A 164 -13.24 0.44 28.88
CA THR A 164 -12.05 -0.25 28.35
C THR A 164 -12.37 -1.42 27.41
N ARG A 165 -11.68 -1.45 26.24
CA ARG A 165 -11.79 -2.55 25.25
C ARG A 165 -10.47 -3.25 25.00
N VAL A 166 -10.51 -4.58 25.06
CA VAL A 166 -9.38 -5.41 24.72
C VAL A 166 -9.69 -5.96 23.33
N THR A 167 -8.68 -6.06 22.46
CA THR A 167 -8.88 -6.75 21.19
C THR A 167 -7.70 -7.69 21.03
N LEU A 168 -7.96 -8.95 20.67
CA LEU A 168 -6.89 -9.91 20.44
C LEU A 168 -7.14 -10.64 19.12
N LEU A 169 -6.07 -11.03 18.42
CA LEU A 169 -6.16 -11.77 17.17
C LEU A 169 -4.92 -12.60 16.94
N GLY A 170 -5.10 -13.81 16.38
CA GLY A 170 -3.98 -14.69 16.02
C GLY A 170 -4.27 -15.29 14.67
N ASP A 171 -3.29 -15.38 13.78
CA ASP A 171 -3.57 -15.91 12.42
C ASP A 171 -2.45 -16.75 11.93
N TYR A 172 -2.80 -17.87 11.32
CA TYR A 172 -1.87 -18.73 10.63
C TYR A 172 -2.33 -18.86 9.18
N ALA A 173 -1.44 -18.58 8.24
CA ALA A 173 -1.70 -18.82 6.83
C ALA A 173 -0.52 -19.56 6.28
N HIS A 174 -0.74 -20.32 5.24
CA HIS A 174 0.24 -21.26 4.79
C HIS A 174 -0.09 -21.65 3.36
N THR A 175 0.95 -21.75 2.53
CA THR A 175 0.79 -22.30 1.19
C THR A 175 2.07 -22.92 0.70
N HIS A 176 1.93 -23.89 -0.18
CA HIS A 176 3.09 -24.53 -0.78
C HIS A 176 3.44 -23.84 -2.09
N GLY A 177 2.52 -23.06 -2.64
CA GLY A 177 2.76 -22.34 -3.89
C GLY A 177 3.00 -23.22 -5.11
N TYR A 178 3.62 -22.62 -6.12
CA TYR A 178 3.91 -23.26 -7.40
C TYR A 178 5.32 -22.83 -7.76
N ASP A 179 5.97 -23.37 -8.80
CA ASP A 179 7.30 -22.87 -9.15
C ASP A 179 7.30 -21.47 -9.82
N VAL A 180 7.93 -20.47 -9.20
CA VAL A 180 7.91 -19.09 -9.73
C VAL A 180 8.79 -18.88 -10.99
N VAL A 181 9.72 -19.84 -11.20
CA VAL A 181 10.58 -19.99 -12.37
C VAL A 181 11.78 -19.00 -12.39
N ALA A 182 11.45 -17.72 -12.28
CA ALA A 182 12.44 -16.65 -12.28
C ALA A 182 13.37 -16.72 -13.47
N TYR A 183 12.80 -16.89 -14.66
CA TYR A 183 13.62 -17.03 -15.87
C TYR A 183 14.56 -15.81 -16.04
N GLY A 184 15.84 -16.09 -16.17
CA GLY A 184 16.90 -15.08 -16.36
C GLY A 184 17.60 -14.68 -15.07
N ASN A 185 17.04 -15.08 -13.92
CA ASN A 185 17.54 -14.67 -12.60
C ASN A 185 18.06 -15.82 -11.81
N THR A 186 18.27 -16.92 -12.51
CA THR A 186 18.38 -18.22 -11.92
C THR A 186 19.81 -18.80 -12.03
N GLY A 187 20.75 -18.07 -12.64
CA GLY A 187 22.13 -18.50 -12.71
C GLY A 187 22.42 -19.65 -13.67
N THR A 188 23.26 -20.59 -13.26
CA THR A 188 23.65 -21.73 -14.13
C THR A 188 22.55 -22.82 -14.35
N GLN A 189 21.66 -23.00 -13.37
CA GLN A 189 20.49 -23.93 -13.45
C GLN A 189 19.20 -23.21 -13.12
N ALA A 190 18.07 -23.91 -13.22
CA ALA A 190 16.79 -23.45 -12.63
C ALA A 190 16.43 -24.31 -11.42
N GLN A 191 15.51 -23.80 -10.62
CA GLN A 191 15.03 -24.47 -9.41
C GLN A 191 13.54 -24.71 -9.58
N THR A 192 13.17 -25.98 -9.69
CA THR A 192 11.84 -26.35 -10.13
C THR A 192 10.89 -26.53 -8.94
N ASP A 193 11.43 -26.45 -7.73
CA ASP A 193 10.63 -26.49 -6.53
C ASP A 193 9.43 -25.51 -6.57
N ASN A 194 8.39 -25.89 -5.82
CA ASN A 194 7.31 -25.00 -5.45
C ASN A 194 7.83 -24.00 -4.41
N ASP A 195 7.43 -22.74 -4.55
CA ASP A 195 8.01 -21.66 -3.78
C ASP A 195 6.96 -21.04 -2.87
N GLY A 196 6.85 -21.55 -1.65
CA GLY A 196 5.68 -21.34 -0.80
C GLY A 196 5.83 -20.21 0.20
N PHE A 197 4.82 -20.05 1.05
CA PHE A 197 4.78 -18.95 2.02
C PHE A 197 4.11 -19.39 3.31
N LEU A 198 4.76 -19.10 4.42
CA LEU A 198 4.19 -19.35 5.74
C LEU A 198 4.21 -18.03 6.49
N SER A 199 3.11 -17.71 7.17
CA SER A 199 2.93 -16.44 7.83
C SER A 199 2.09 -16.65 9.07
N LYS A 200 2.56 -16.14 10.19
CA LYS A 200 1.86 -16.27 11.44
C LYS A 200 1.79 -14.89 12.05
N THR A 201 0.60 -14.46 12.46
CA THR A 201 0.43 -13.13 13.02
C THR A 201 -0.20 -13.21 14.38
N LEU A 202 0.19 -12.29 15.27
CA LEU A 202 -0.45 -12.09 16.57
C LEU A 202 -0.64 -10.60 16.76
N TYR A 203 -1.72 -10.19 17.42
CA TYR A 203 -2.08 -8.79 17.51
C TYR A 203 -2.90 -8.57 18.74
N GLY A 204 -2.62 -7.47 19.44
CA GLY A 204 -3.42 -7.06 20.60
C GLY A 204 -3.45 -5.55 20.80
N ALA A 205 -4.62 -5.05 21.20
CA ALA A 205 -4.85 -3.65 21.46
C ALA A 205 -5.72 -3.49 22.68
N LEU A 206 -5.61 -2.31 23.30
CA LEU A 206 -6.45 -1.84 24.41
C LEU A 206 -6.82 -0.38 24.13
N GLU A 207 -8.12 -0.07 24.17
CA GLU A 207 -8.58 1.32 24.08
C GLU A 207 -9.28 1.73 25.40
N HIS A 208 -9.12 3.00 25.78
CA HIS A 208 -9.63 3.50 27.05
C HIS A 208 -10.20 4.89 26.92
N ASN A 209 -11.37 5.08 27.50
CA ASN A 209 -11.94 6.39 27.66
C ASN A 209 -11.83 6.92 29.10
N PHE A 210 -10.95 7.92 29.27
CA PHE A 210 -10.83 8.66 30.51
C PHE A 210 -12.05 9.56 30.72
N THR A 211 -12.58 10.10 29.63
CA THR A 211 -13.79 10.92 29.64
C THR A 211 -14.47 10.74 28.31
N ASP A 212 -15.59 11.44 28.10
CA ASP A 212 -16.26 11.39 26.79
C ASP A 212 -15.39 11.97 25.68
N ALA A 213 -14.50 12.92 26.03
CA ALA A 213 -13.56 13.53 25.09
C ALA A 213 -12.17 12.88 25.03
N TRP A 214 -11.59 12.52 26.16
CA TRP A 214 -10.23 11.99 26.16
C TRP A 214 -10.22 10.51 26.01
N SER A 215 -9.33 9.99 25.18
CA SER A 215 -9.14 8.57 25.06
C SER A 215 -7.70 8.20 24.85
N GLY A 216 -7.35 7.02 25.32
CA GLY A 216 -6.00 6.48 25.09
C GLY A 216 -6.03 5.09 24.48
N PHE A 217 -4.88 4.66 23.98
CA PHE A 217 -4.75 3.31 23.43
C PHE A 217 -3.32 2.75 23.45
N VAL A 218 -3.23 1.44 23.60
CA VAL A 218 -1.97 0.73 23.42
C VAL A 218 -2.18 -0.47 22.50
N ARG A 219 -1.24 -0.64 21.58
CA ARG A 219 -1.43 -1.53 20.45
C ARG A 219 -0.12 -2.19 20.06
N GLY A 220 -0.14 -3.50 19.91
CA GLY A 220 1.04 -4.20 19.47
C GLY A 220 0.69 -5.41 18.64
N TYR A 221 1.59 -5.77 17.73
CA TYR A 221 1.35 -6.84 16.83
C TYR A 221 2.66 -7.31 16.20
N GLY A 222 2.67 -8.53 15.70
CA GLY A 222 3.89 -9.06 15.09
C GLY A 222 3.61 -10.16 14.09
N TYR A 223 4.54 -10.37 13.18
CA TYR A 223 4.39 -11.47 12.29
C TYR A 223 5.70 -12.03 11.90
N ASP A 224 5.67 -13.33 11.65
CA ASP A 224 6.86 -14.12 11.54
C ASP A 224 6.55 -14.89 10.25
N ASN A 225 7.29 -14.56 9.19
CA ASN A 225 6.98 -14.96 7.78
C ASN A 225 8.18 -15.72 7.17
N ARG A 226 7.98 -16.85 6.51
CA ARG A 226 9.02 -17.46 5.66
C ARG A 226 8.57 -17.55 4.20
N THR A 227 9.45 -17.15 3.30
CA THR A 227 9.14 -17.11 1.86
C THR A 227 10.23 -17.90 1.10
N ASN A 228 9.82 -18.84 0.26
CA ASN A 228 10.74 -19.52 -0.65
C ASN A 228 10.70 -18.73 -1.94
N TYR A 229 11.83 -18.65 -2.63
CA TYR A 229 11.90 -18.04 -3.95
C TYR A 229 13.01 -18.74 -4.70
N ASP A 230 13.30 -18.28 -5.90
CA ASP A 230 14.38 -18.90 -6.69
C ASP A 230 15.53 -17.89 -7.02
N ALA A 231 16.77 -18.32 -7.07
CA ALA A 231 17.92 -17.38 -7.12
C ALA A 231 19.06 -17.84 -8.01
N TYR A 232 20.13 -17.05 -8.04
CA TYR A 232 21.29 -17.31 -8.84
C TYR A 232 21.94 -18.58 -8.26
N TYR A 233 22.03 -19.65 -9.05
CA TYR A 233 22.73 -20.86 -8.62
C TYR A 233 24.09 -20.89 -9.27
N SER A 234 25.10 -21.25 -8.46
CA SER A 234 26.47 -21.46 -8.93
C SER A 234 27.04 -22.66 -8.20
N PRO A 235 27.53 -23.66 -8.94
CA PRO A 235 27.82 -24.93 -8.31
C PRO A 235 28.89 -24.79 -7.19
N GLY A 236 28.66 -25.50 -6.10
CA GLY A 236 29.48 -25.40 -4.89
C GLY A 236 29.31 -24.08 -4.16
N SER A 237 28.34 -23.26 -4.54
CA SER A 237 28.15 -21.97 -3.89
C SER A 237 26.78 -21.80 -3.26
N PRO A 238 26.77 -21.17 -2.10
CA PRO A 238 25.52 -20.96 -1.40
C PRO A 238 24.43 -20.39 -2.31
N LEU A 239 23.25 -20.99 -2.26
CA LEU A 239 22.05 -20.51 -2.94
C LEU A 239 21.06 -19.85 -1.95
N LEU A 240 21.06 -18.52 -1.92
CA LEU A 240 20.16 -17.75 -1.05
C LEU A 240 18.79 -17.69 -1.70
N ASP A 241 17.89 -18.58 -1.26
CA ASP A 241 16.55 -18.77 -1.88
C ASP A 241 15.42 -18.92 -0.84
N THR A 242 15.66 -18.44 0.38
CA THR A 242 14.69 -18.48 1.45
C THR A 242 14.89 -17.22 2.29
N ARG A 243 13.77 -16.69 2.77
CA ARG A 243 13.73 -15.46 3.52
C ARG A 243 12.94 -15.68 4.78
N LYS A 244 13.50 -15.35 5.94
CA LYS A 244 12.72 -15.22 7.17
C LYS A 244 12.60 -13.74 7.66
N LEU A 245 11.39 -13.19 7.58
CA LEU A 245 11.10 -11.84 8.01
C LEU A 245 10.35 -11.88 9.31
N TYR A 246 10.88 -11.22 10.34
CA TYR A 246 10.17 -11.05 11.58
C TYR A 246 9.88 -9.56 11.73
N SER A 247 8.65 -9.20 12.08
CA SER A 247 8.43 -7.82 12.48
C SER A 247 7.44 -7.64 13.64
N GLN A 248 7.65 -6.59 14.40
CA GLN A 248 6.82 -6.25 15.53
C GLN A 248 6.59 -4.74 15.46
N SER A 249 5.45 -4.28 15.97
CA SER A 249 5.12 -2.83 16.07
C SER A 249 4.32 -2.57 17.33
N TRP A 250 4.64 -1.48 18.01
CA TRP A 250 3.96 -1.10 19.23
C TRP A 250 3.60 0.37 19.12
N ASP A 251 2.31 0.68 19.30
CA ASP A 251 1.81 2.05 19.28
C ASP A 251 1.10 2.38 20.60
N ALA A 252 1.39 3.55 21.15
CA ALA A 252 0.58 4.11 22.22
C ALA A 252 0.14 5.51 21.77
N GLY A 253 -1.02 5.95 22.23
CA GLY A 253 -1.44 7.31 21.93
C GLY A 253 -2.49 7.87 22.87
N LEU A 254 -2.76 9.16 22.72
CA LEU A 254 -3.78 9.90 23.46
C LEU A 254 -4.52 10.82 22.48
N ARG A 255 -5.85 10.89 22.59
CA ARG A 255 -6.65 11.69 21.69
C ARG A 255 -7.60 12.55 22.47
N TYR A 256 -7.88 13.73 21.96
CA TYR A 256 -8.95 14.54 22.47
C TYR A 256 -9.88 14.82 21.32
N ASN A 257 -11.17 14.57 21.51
CA ASN A 257 -12.17 14.87 20.49
C ASN A 257 -13.20 15.82 21.05
N GLY A 258 -12.86 17.10 21.04
CA GLY A 258 -13.75 18.15 21.53
C GLY A 258 -14.82 18.46 20.50
N GLU A 259 -15.78 19.28 20.91
CA GLU A 259 -16.82 19.77 19.98
C GLU A 259 -16.11 20.49 18.81
N LEU A 260 -15.16 21.38 19.14
CA LEU A 260 -14.43 22.19 18.13
C LEU A 260 -12.96 21.74 17.93
N ILE A 261 -12.28 21.44 19.04
CA ILE A 261 -10.85 21.17 19.05
C ILE A 261 -10.55 19.70 19.03
N LYS A 262 -9.60 19.30 18.19
CA LYS A 262 -9.18 17.92 18.21
C LYS A 262 -7.67 17.82 18.28
N SER A 263 -7.22 16.81 19.01
CA SER A 263 -5.83 16.62 19.27
C SER A 263 -5.39 15.17 19.31
N GLN A 264 -4.13 14.93 18.95
CA GLN A 264 -3.59 13.57 19.06
C GLN A 264 -2.08 13.58 19.29
N LEU A 265 -1.61 12.65 20.09
CA LEU A 265 -0.21 12.45 20.39
C LEU A 265 -0.03 10.95 20.27
N ILE A 266 0.67 10.51 19.23
CA ILE A 266 0.87 9.10 18.99
C ILE A 266 2.35 8.78 18.94
N THR A 267 2.71 7.68 19.60
CA THR A 267 4.08 7.27 19.83
C THR A 267 4.19 5.88 19.27
N SER A 268 5.34 5.55 18.67
CA SER A 268 5.40 4.29 17.94
C SER A 268 6.77 3.68 17.85
N TYR A 269 6.82 2.37 17.94
CA TYR A 269 8.06 1.61 17.80
C TYR A 269 7.88 0.39 16.90
N SER A 270 8.62 0.37 15.78
CA SER A 270 8.71 -0.81 14.91
C SER A 270 10.09 -1.41 14.95
N HIS A 271 10.20 -2.74 14.92
CA HIS A 271 11.47 -3.47 14.70
C HIS A 271 11.21 -4.62 13.70
N SER A 272 12.01 -4.70 12.66
CA SER A 272 12.03 -5.84 11.74
C SER A 272 13.46 -6.44 11.54
N LYS A 273 13.47 -7.77 11.43
CA LYS A 273 14.67 -8.56 11.19
C LYS A 273 14.35 -9.43 9.98
N ASP A 274 15.18 -9.37 8.95
CA ASP A 274 14.86 -9.88 7.62
C ASP A 274 16.07 -10.66 7.11
N TYR A 275 16.04 -11.97 7.24
CA TYR A 275 17.17 -12.78 6.83
C TYR A 275 16.92 -13.27 5.42
N ASN A 276 17.99 -13.64 4.72
CA ASN A 276 17.92 -14.38 3.48
C ASN A 276 19.01 -15.45 3.49
N TYR A 277 18.69 -16.64 2.97
CA TYR A 277 19.56 -17.78 3.20
C TYR A 277 19.32 -19.01 2.37
N ASP A 278 20.41 -19.76 2.22
CA ASP A 278 20.43 -21.12 1.76
C ASP A 278 20.19 -21.95 3.02
N PRO A 279 19.13 -22.74 3.06
CA PRO A 279 18.80 -23.50 4.27
C PRO A 279 19.79 -24.61 4.62
N HIS A 280 20.60 -25.08 3.66
CA HIS A 280 21.65 -26.06 3.95
C HIS A 280 22.80 -25.31 4.65
N TYR A 281 23.00 -25.60 5.94
CA TYR A 281 23.84 -24.77 6.84
C TYR A 281 23.61 -23.25 6.71
N GLY A 282 22.50 -22.72 7.26
CA GLY A 282 22.12 -21.32 7.00
C GLY A 282 21.23 -20.54 7.98
N ARG A 283 21.16 -19.24 7.70
CA ARG A 283 20.50 -18.19 8.52
C ARG A 283 21.47 -17.55 9.51
N TYR A 284 22.16 -18.40 10.27
CA TYR A 284 23.28 -18.00 11.08
C TYR A 284 24.48 -18.67 10.42
N ASP A 285 25.14 -17.92 9.53
CA ASP A 285 26.24 -18.39 8.67
C ASP A 285 26.60 -17.18 7.81
N SER A 286 27.85 -17.08 7.44
CA SER A 286 28.36 -15.87 6.77
C SER A 286 27.56 -15.50 5.54
N SER A 287 27.27 -16.49 4.72
CA SER A 287 26.65 -16.30 3.43
C SER A 287 25.22 -15.77 3.54
N ALA A 288 24.53 -16.07 4.64
CA ALA A 288 23.21 -15.53 4.89
C ALA A 288 23.27 -14.01 5.13
N THR A 289 22.30 -13.28 4.56
CA THR A 289 22.28 -11.82 4.69
C THR A 289 21.29 -11.44 5.75
N LEU A 290 21.47 -10.28 6.34
CA LEU A 290 20.55 -9.81 7.38
C LEU A 290 20.29 -8.33 7.24
N ASP A 291 19.03 -7.94 7.08
CA ASP A 291 18.70 -6.54 7.11
C ASP A 291 17.81 -6.31 8.34
N GLU A 292 18.13 -5.26 9.10
CA GLU A 292 17.43 -5.01 10.35
C GLU A 292 17.25 -3.53 10.57
N MET A 293 16.03 -3.12 10.90
CA MET A 293 15.81 -1.75 11.30
C MET A 293 14.86 -1.64 12.49
N LYS A 294 15.08 -0.59 13.28
CA LYS A 294 14.21 -0.16 14.33
C LYS A 294 13.80 1.26 13.98
N GLN A 295 12.50 1.55 14.11
CA GLN A 295 11.96 2.86 13.82
C GLN A 295 11.15 3.41 14.95
N TYR A 296 11.43 4.64 15.36
CA TYR A 296 10.67 5.28 16.43
C TYR A 296 9.98 6.49 15.85
N THR A 297 8.72 6.72 16.24
CA THR A 297 7.97 7.86 15.78
C THR A 297 7.23 8.58 16.93
N VAL A 298 7.23 9.91 16.86
CA VAL A 298 6.39 10.72 17.72
C VAL A 298 5.75 11.83 16.90
N GLN A 299 4.42 11.80 16.87
CA GLN A 299 3.57 12.73 16.14
C GLN A 299 2.56 13.36 17.09
N TRP A 300 2.53 14.69 17.12
CA TRP A 300 1.47 15.45 17.80
C TRP A 300 0.78 16.36 16.78
N ALA A 301 -0.54 16.28 16.69
CA ALA A 301 -1.33 17.05 15.73
C ALA A 301 -2.50 17.77 16.40
N ASN A 302 -2.86 18.94 15.88
CA ASN A 302 -4.09 19.57 16.34
C ASN A 302 -4.97 20.06 15.20
N ASN A 303 -6.24 20.27 15.49
CA ASN A 303 -7.15 20.65 14.43
C ASN A 303 -8.32 21.28 15.09
N VAL A 304 -8.77 22.40 14.53
CA VAL A 304 -9.91 23.08 15.08
C VAL A 304 -10.89 23.47 13.97
N ILE A 305 -12.18 23.37 14.29
CA ILE A 305 -13.28 23.79 13.40
C ILE A 305 -13.39 25.29 13.49
N VAL A 306 -13.36 25.97 12.38
CA VAL A 306 -13.45 27.40 12.34
C VAL A 306 -14.07 27.77 11.02
N GLY A 307 -14.81 28.88 11.02
CA GLY A 307 -15.42 29.31 9.77
C GLY A 307 -16.29 28.18 9.29
N HIS A 308 -16.19 27.80 8.03
CA HIS A 308 -16.93 26.63 7.56
C HIS A 308 -15.94 25.63 7.05
N GLY A 309 -15.32 24.93 7.98
CA GLY A 309 -14.15 24.16 7.70
C GLY A 309 -13.22 24.20 8.89
N SER A 310 -11.93 24.13 8.64
CA SER A 310 -11.01 23.76 9.67
C SER A 310 -9.59 24.25 9.40
N ILE A 311 -8.80 24.29 10.47
CA ILE A 311 -7.40 24.50 10.38
C ILE A 311 -6.71 23.58 11.34
N GLY A 312 -5.62 22.96 10.91
CA GLY A 312 -4.77 22.18 11.79
C GLY A 312 -3.27 22.39 11.53
N ALA A 313 -2.49 21.79 12.41
CA ALA A 313 -1.02 21.87 12.43
C ALA A 313 -0.51 20.68 13.20
N GLY A 314 0.68 20.24 12.81
CA GLY A 314 1.39 19.26 13.59
C GLY A 314 2.92 19.27 13.55
N VAL A 315 3.46 18.49 14.46
CA VAL A 315 4.86 18.23 14.46
C VAL A 315 5.16 16.74 14.52
N ASP A 316 6.14 16.36 13.75
CA ASP A 316 6.35 15.00 13.41
C ASP A 316 7.83 14.63 13.61
N TRP A 317 8.10 13.56 14.34
CA TRP A 317 9.48 13.13 14.56
C TRP A 317 9.70 11.65 14.28
N GLN A 318 10.80 11.32 13.60
CA GLN A 318 11.11 9.94 13.25
C GLN A 318 12.62 9.60 13.38
N LYS A 319 12.92 8.46 13.99
CA LYS A 319 14.26 7.92 13.99
C LYS A 319 14.27 6.50 13.43
N GLN A 320 15.12 6.28 12.45
CA GLN A 320 15.39 4.95 11.93
C GLN A 320 16.84 4.52 12.23
N THR A 321 17.03 3.44 12.98
CA THR A 321 18.37 2.86 13.18
C THR A 321 18.43 1.49 12.53
N THR A 322 19.50 1.24 11.78
CA THR A 322 19.71 -0.05 11.13
C THR A 322 20.98 -0.73 11.62
N THR A 323 20.97 -2.05 11.60
CA THR A 323 22.12 -2.89 12.02
C THR A 323 23.20 -2.98 10.91
N PRO A 324 24.51 -3.07 11.29
CA PRO A 324 25.67 -3.33 10.37
C PRO A 324 25.66 -4.64 9.60
CA GLU A 330 30.96 2.46 9.15
C GLU A 330 30.33 3.86 8.97
N ASP A 331 29.63 4.02 7.84
CA ASP A 331 28.99 5.28 7.44
C ASP A 331 27.50 5.07 7.12
N GLY A 332 26.62 5.84 7.77
CA GLY A 332 25.19 5.56 7.77
C GLY A 332 24.88 4.74 9.01
N TYR A 333 23.74 4.03 9.01
CA TYR A 333 23.27 3.27 10.17
C TYR A 333 22.24 4.06 11.03
N ASP A 334 22.20 5.41 10.98
CA ASP A 334 21.25 6.16 11.87
C ASP A 334 20.71 7.53 11.37
N GLN A 335 19.38 7.60 11.24
CA GLN A 335 18.72 8.70 10.51
C GLN A 335 17.56 9.32 11.30
N ARG A 336 17.41 10.61 11.20
CA ARG A 336 16.48 11.33 12.03
C ARG A 336 15.83 12.36 11.12
N ASN A 337 14.51 12.50 11.25
CA ASN A 337 13.75 13.50 10.53
C ASN A 337 12.71 14.18 11.47
N THR A 338 12.51 15.48 11.25
CA THR A 338 11.53 16.28 11.99
C THR A 338 10.80 17.16 11.01
N GLY A 339 9.47 17.19 11.12
CA GLY A 339 8.67 17.97 10.18
C GLY A 339 7.63 18.80 10.92
N ILE A 340 7.30 19.94 10.35
CA ILE A 340 6.29 20.77 10.92
C ILE A 340 5.42 21.15 9.71
N TYR A 341 4.10 21.03 9.86
CA TYR A 341 3.15 21.29 8.79
C TYR A 341 1.90 21.99 9.30
N LEU A 342 1.18 22.53 8.32
CA LEU A 342 -0.07 23.27 8.52
C LEU A 342 -1.08 22.71 7.50
N THR A 343 -2.37 22.62 7.86
CA THR A 343 -3.45 22.24 6.93
C THR A 343 -4.66 23.19 7.13
N GLY A 344 -5.41 23.36 6.07
CA GLY A 344 -6.67 24.09 6.16
C GLY A 344 -7.64 23.72 5.06
N LEU A 345 -8.93 24.05 5.29
CA LEU A 345 -10.07 23.68 4.48
C LEU A 345 -11.19 24.65 4.74
N GLN A 346 -11.82 25.13 3.68
CA GLN A 346 -12.89 26.08 3.88
C GLN A 346 -13.93 25.90 2.77
N GLN A 347 -15.19 26.01 3.13
CA GLN A 347 -16.31 25.99 2.19
C GLN A 347 -16.94 27.35 2.16
N VAL A 348 -17.05 27.96 1.00
CA VAL A 348 -17.67 29.29 0.89
C VAL A 348 -18.52 29.34 -0.39
N GLY A 349 -19.84 29.45 -0.22
CA GLY A 349 -20.81 29.22 -1.29
C GLY A 349 -20.69 27.84 -1.92
N ASP A 350 -20.64 27.81 -3.24
CA ASP A 350 -20.49 26.57 -3.96
C ASP A 350 -18.99 26.16 -4.05
N PHE A 351 -18.09 26.88 -3.37
CA PHE A 351 -16.64 26.63 -3.48
C PHE A 351 -16.05 25.91 -2.24
N THR A 352 -15.02 25.09 -2.50
CA THR A 352 -14.26 24.39 -1.46
C THR A 352 -12.80 24.70 -1.72
N PHE A 353 -12.05 25.15 -0.71
CA PHE A 353 -10.59 25.39 -0.81
C PHE A 353 -9.84 24.55 0.21
N GLU A 354 -8.72 24.01 -0.19
CA GLU A 354 -8.05 23.07 0.68
C GLU A 354 -6.55 23.16 0.42
N GLY A 355 -5.76 22.96 1.47
CA GLY A 355 -4.32 23.23 1.44
C GLY A 355 -3.54 22.64 2.58
N ALA A 356 -2.27 22.35 2.29
CA ALA A 356 -1.31 21.95 3.28
C ALA A 356 0.11 22.44 2.89
N ALA A 357 0.97 22.65 3.90
CA ALA A 357 2.37 23.03 3.69
C ALA A 357 3.24 22.55 4.82
N ARG A 358 4.41 22.03 4.46
CA ARG A 358 5.29 21.36 5.42
C ARG A 358 6.76 21.69 5.22
N SER A 359 7.46 21.65 6.32
CA SER A 359 8.88 21.83 6.24
C SER A 359 9.47 20.66 6.94
N ASP A 360 10.28 19.94 6.18
CA ASP A 360 10.99 18.79 6.71
C ASP A 360 12.48 19.12 7.01
N ASP A 361 13.02 18.61 8.11
CA ASP A 361 14.44 18.73 8.37
C ASP A 361 14.99 17.35 8.63
N ASN A 362 15.86 16.89 7.72
CA ASN A 362 16.44 15.53 7.74
C ASN A 362 17.96 15.53 8.00
N SER A 363 18.41 14.56 8.77
CA SER A 363 19.76 14.56 9.27
C SER A 363 20.82 14.42 8.18
N GLN A 364 20.50 13.81 7.05
CA GLN A 364 21.43 13.83 5.93
C GLN A 364 21.22 14.98 4.95
N PHE A 365 20.02 15.27 4.46
CA PHE A 365 19.91 16.32 3.44
C PHE A 365 19.51 17.69 3.99
N GLY A 366 19.20 17.77 5.29
CA GLY A 366 18.63 18.98 5.85
C GLY A 366 17.19 19.27 5.43
N ARG A 367 16.97 20.48 4.91
CA ARG A 367 15.65 21.07 4.87
C ARG A 367 15.05 20.94 3.49
N HIS A 368 13.79 20.53 3.41
CA HIS A 368 13.04 20.57 2.18
C HIS A 368 11.60 20.91 2.49
N GLY A 369 11.03 21.82 1.71
CA GLY A 369 9.69 22.28 1.96
C GLY A 369 8.83 21.75 0.85
N THR A 370 7.55 21.50 1.16
CA THR A 370 6.54 21.15 0.16
C THR A 370 5.20 21.85 0.47
N TRP A 371 4.30 21.84 -0.50
CA TRP A 371 2.98 22.49 -0.33
C TRP A 371 2.00 22.00 -1.36
N GLN A 372 0.71 22.09 -1.09
CA GLN A 372 -0.38 21.73 -2.04
C GLN A 372 -1.62 22.55 -1.80
N THR A 373 -2.47 22.62 -2.82
CA THR A 373 -3.64 23.45 -2.74
C THR A 373 -4.58 22.90 -3.77
N SER A 374 -5.86 22.91 -3.44
CA SER A 374 -6.97 22.46 -4.25
C SER A 374 -8.13 23.43 -4.16
N ALA A 375 -8.80 23.62 -5.27
CA ALA A 375 -10.07 24.34 -5.29
C ALA A 375 -11.13 23.50 -6.01
N GLY A 376 -12.34 23.49 -5.47
CA GLY A 376 -13.43 22.85 -6.21
C GLY A 376 -14.61 23.71 -6.35
N TRP A 377 -15.39 23.56 -7.43
CA TRP A 377 -16.58 24.42 -7.63
C TRP A 377 -17.84 23.65 -7.97
N GLU A 378 -18.87 23.70 -7.14
CA GLU A 378 -20.09 22.98 -7.44
C GLU A 378 -20.95 23.90 -8.31
N PHE A 379 -20.69 23.89 -9.61
CA PHE A 379 -21.31 24.85 -10.50
C PHE A 379 -22.79 24.58 -10.76
N ILE A 380 -23.23 23.33 -10.56
CA ILE A 380 -24.66 22.93 -10.54
C ILE A 380 -24.74 21.85 -9.49
N GLU A 381 -25.89 21.68 -8.87
CA GLU A 381 -26.00 20.78 -7.72
C GLU A 381 -25.62 19.39 -8.17
N GLY A 382 -24.73 18.74 -7.46
CA GLY A 382 -24.32 17.40 -7.80
C GLY A 382 -23.21 17.30 -8.84
N TYR A 383 -22.77 18.43 -9.42
CA TYR A 383 -21.64 18.44 -10.36
C TYR A 383 -20.55 19.40 -9.91
N ARG A 384 -19.30 18.95 -9.95
CA ARG A 384 -18.22 19.80 -9.49
C ARG A 384 -16.94 19.72 -10.35
N PHE A 385 -16.24 20.86 -10.43
CA PHE A 385 -14.90 20.93 -11.08
C PHE A 385 -13.86 21.10 -9.97
N ILE A 386 -12.70 20.47 -10.10
CA ILE A 386 -11.64 20.52 -9.10
C ILE A 386 -10.29 20.74 -9.77
N ALA A 387 -9.53 21.74 -9.31
CA ALA A 387 -8.14 21.94 -9.74
C ALA A 387 -7.21 21.86 -8.53
N SER A 388 -6.06 21.27 -8.77
CA SER A 388 -5.08 20.94 -7.77
C SER A 388 -3.66 21.13 -8.31
N TYR A 389 -2.78 21.52 -7.39
CA TYR A 389 -1.37 21.53 -7.64
C TYR A 389 -0.67 21.16 -6.35
N GLY A 390 0.48 20.53 -6.47
CA GLY A 390 1.22 20.08 -5.30
C GLY A 390 2.65 19.62 -5.65
N THR A 391 3.59 19.90 -4.74
CA THR A 391 4.95 19.39 -4.84
C THR A 391 5.12 18.27 -3.76
N SER A 392 6.05 17.35 -3.95
CA SER A 392 6.32 16.34 -2.95
C SER A 392 7.74 15.77 -3.14
N TYR A 393 8.14 14.79 -2.37
CA TYR A 393 9.53 14.40 -2.41
C TYR A 393 9.78 13.04 -1.82
N LYS A 394 10.88 12.42 -2.19
CA LYS A 394 11.29 11.16 -1.62
C LYS A 394 12.70 11.36 -1.06
N ALA A 395 12.92 10.93 0.18
CA ALA A 395 14.28 10.87 0.78
C ALA A 395 15.15 9.79 0.10
N PRO A 396 16.42 10.10 -0.12
CA PRO A 396 17.42 9.13 -0.52
C PRO A 396 17.44 7.90 0.40
N ASN A 397 17.60 6.69 -0.12
CA ASN A 397 17.65 5.50 0.75
C ASN A 397 19.12 5.20 1.22
N LEU A 398 19.30 4.25 2.14
CA LEU A 398 20.67 4.01 2.69
C LEU A 398 21.64 3.38 1.72
N GLY A 399 21.15 2.50 0.88
CA GLY A 399 21.94 2.00 -0.26
C GLY A 399 22.52 3.11 -1.12
N GLN A 400 21.66 4.05 -1.50
CA GLN A 400 22.01 5.14 -2.41
C GLN A 400 23.01 6.11 -1.82
N LEU A 401 22.89 6.33 -0.53
CA LEU A 401 23.67 7.28 0.19
C LEU A 401 25.03 6.65 0.52
N TYR A 402 24.98 5.49 1.18
CA TYR A 402 26.14 4.93 1.83
C TYR A 402 26.60 3.58 1.28
N GLY A 403 26.04 3.15 0.14
CA GLY A 403 26.31 1.81 -0.40
C GLY A 403 27.66 1.64 -1.06
N PHE A 404 27.74 0.68 -1.98
CA PHE A 404 28.97 0.48 -2.74
C PHE A 404 29.14 1.68 -3.70
N TYR A 405 28.01 2.12 -4.25
CA TYR A 405 28.01 3.25 -5.15
C TYR A 405 27.47 4.51 -4.46
N GLY A 406 27.65 4.61 -3.16
CA GLY A 406 27.02 5.68 -2.38
C GLY A 406 27.48 7.11 -2.67
N ASN A 407 26.53 8.03 -2.69
CA ASN A 407 26.85 9.45 -2.61
C ASN A 407 26.11 10.00 -1.36
N PRO A 408 26.81 10.23 -0.24
CA PRO A 408 26.14 10.74 0.94
C PRO A 408 25.60 12.19 0.87
N ASN A 409 25.77 12.90 -0.25
CA ASN A 409 25.32 14.31 -0.40
C ASN A 409 24.15 14.37 -1.34
N LEU A 410 23.41 13.28 -1.42
CA LEU A 410 22.23 13.28 -2.22
C LEU A 410 21.16 14.21 -1.61
N ASP A 411 20.46 14.88 -2.52
CA ASP A 411 19.16 15.54 -2.28
C ASP A 411 17.90 14.65 -2.60
N PRO A 412 16.74 15.08 -2.13
CA PRO A 412 15.57 14.32 -2.39
C PRO A 412 15.18 14.35 -3.86
N GLU A 413 14.39 13.37 -4.28
CA GLU A 413 13.73 13.43 -5.61
C GLU A 413 12.54 14.31 -5.42
N LYS A 414 12.24 15.11 -6.42
CA LYS A 414 11.19 16.13 -6.35
C LYS A 414 10.09 15.91 -7.39
N SER A 415 8.85 16.22 -7.01
CA SER A 415 7.71 16.11 -7.94
C SER A 415 6.89 17.33 -7.92
N LYS A 416 6.49 17.74 -9.10
CA LYS A 416 5.38 18.66 -9.20
C LYS A 416 4.22 17.97 -9.92
N GLN A 417 3.03 18.10 -9.35
CA GLN A 417 1.87 17.57 -9.95
C GLN A 417 0.76 18.58 -10.09
N TRP A 418 0.05 18.47 -11.24
CA TRP A 418 -1.14 19.25 -11.57
C TRP A 418 -2.26 18.27 -11.92
N GLU A 419 -3.50 18.65 -11.65
CA GLU A 419 -4.62 17.72 -11.82
C GLU A 419 -5.93 18.46 -11.89
N GLY A 420 -6.81 18.01 -12.78
CA GLY A 420 -8.07 18.68 -13.08
C GLY A 420 -9.11 17.61 -13.20
N ALA A 421 -10.29 17.80 -12.62
CA ALA A 421 -11.27 16.74 -12.50
C ALA A 421 -12.66 17.31 -12.70
N PHE A 422 -13.52 16.50 -13.28
CA PHE A 422 -14.94 16.72 -13.23
C PHE A 422 -15.56 15.57 -12.48
N GLU A 423 -16.35 15.85 -11.46
CA GLU A 423 -17.20 14.79 -10.89
C GLU A 423 -18.66 15.15 -10.91
N GLY A 424 -19.49 14.10 -10.84
CA GLY A 424 -20.95 14.28 -10.92
C GLY A 424 -21.79 13.11 -10.46
N LEU A 425 -23.09 13.40 -10.29
CA LEU A 425 -24.13 12.41 -10.08
C LEU A 425 -25.21 12.58 -11.19
N THR A 426 -25.34 11.58 -12.03
CA THR A 426 -26.20 11.71 -13.21
C THR A 426 -26.94 10.43 -13.27
N ALA A 427 -28.25 10.54 -13.16
CA ALA A 427 -29.18 9.46 -13.39
C ALA A 427 -28.86 8.28 -12.50
N GLY A 428 -28.45 8.56 -11.29
CA GLY A 428 -28.18 7.53 -10.35
C GLY A 428 -26.76 7.04 -10.45
N VAL A 429 -25.94 7.62 -11.33
CA VAL A 429 -24.55 7.18 -11.46
C VAL A 429 -23.60 8.23 -10.89
N ASN A 430 -22.77 7.85 -9.92
CA ASN A 430 -21.68 8.69 -9.38
C ASN A 430 -20.44 8.48 -10.20
N TRP A 431 -19.86 9.53 -10.71
CA TRP A 431 -18.77 9.35 -11.59
C TRP A 431 -17.76 10.43 -11.37
N ARG A 432 -16.49 10.15 -11.71
CA ARG A 432 -15.44 11.17 -11.71
C ARG A 432 -14.47 10.88 -12.87
N ILE A 433 -14.02 11.92 -13.57
CA ILE A 433 -12.92 11.77 -14.50
C ILE A 433 -11.84 12.86 -14.24
N SER A 434 -10.57 12.48 -14.21
CA SER A 434 -9.40 13.37 -13.84
C SER A 434 -8.31 13.26 -14.90
N GLY A 435 -7.64 14.38 -15.21
CA GLY A 435 -6.34 14.38 -15.92
C GLY A 435 -5.27 14.90 -14.96
N TYR A 436 -4.11 14.27 -14.95
CA TYR A 436 -3.00 14.72 -14.14
C TYR A 436 -1.70 14.60 -14.86
N ARG A 437 -0.79 15.52 -14.52
CA ARG A 437 0.57 15.57 -15.02
C ARG A 437 1.53 15.63 -13.81
N ASN A 438 2.59 14.82 -13.82
CA ASN A 438 3.49 14.73 -12.68
C ASN A 438 4.91 14.73 -13.23
N ASP A 439 5.66 15.81 -12.98
CA ASP A 439 7.04 15.99 -13.42
C ASP A 439 7.93 15.65 -12.24
N VAL A 440 8.66 14.57 -12.37
CA VAL A 440 9.55 14.11 -11.31
C VAL A 440 10.91 14.49 -11.80
N SER A 441 11.78 14.89 -10.87
CA SER A 441 13.12 15.41 -11.22
C SER A 441 14.08 15.13 -10.10
N ASP A 442 15.36 15.37 -10.37
CA ASP A 442 16.45 14.97 -9.48
C ASP A 442 16.41 13.46 -9.13
N LEU A 443 15.93 12.62 -10.06
CA LEU A 443 15.87 11.17 -9.80
C LEU A 443 17.26 10.63 -9.48
N ILE A 444 17.40 9.83 -8.43
CA ILE A 444 18.70 9.29 -8.11
C ILE A 444 19.08 8.13 -9.03
N ASP A 445 20.07 8.43 -9.87
CA ASP A 445 20.59 7.55 -10.86
C ASP A 445 22.05 7.19 -10.57
N TYR A 446 22.38 5.95 -10.93
CA TYR A 446 23.74 5.52 -10.93
C TYR A 446 24.42 6.14 -12.16
N ASP A 447 25.64 6.68 -12.00
CA ASP A 447 26.38 7.29 -13.12
C ASP A 447 27.63 6.50 -13.53
N ASP A 448 27.53 5.83 -14.69
CA ASP A 448 28.59 4.93 -15.20
C ASP A 448 30.05 5.48 -15.11
N HIS A 449 30.26 6.72 -15.58
CA HIS A 449 31.62 7.31 -15.64
C HIS A 449 32.25 7.67 -14.29
N THR A 450 31.42 7.80 -13.24
CA THR A 450 31.91 8.17 -11.88
C THR A 450 31.67 7.08 -10.80
N LEU A 451 31.07 5.94 -11.17
CA LEU A 451 30.80 4.85 -10.23
C LEU A 451 30.07 5.33 -8.96
N LYS A 452 29.09 6.22 -9.13
CA LYS A 452 28.49 6.94 -8.03
C LYS A 452 27.03 7.38 -8.35
N TYR A 453 26.17 7.31 -7.36
CA TYR A 453 24.80 7.81 -7.51
C TYR A 453 24.81 9.33 -7.53
N TYR A 454 23.88 9.90 -8.27
CA TYR A 454 23.70 11.34 -8.42
C TYR A 454 22.23 11.65 -8.74
N ASN A 455 21.73 12.74 -8.16
CA ASN A 455 20.49 13.39 -8.55
C ASN A 455 20.59 13.92 -9.99
N GLU A 456 19.87 13.30 -10.94
CA GLU A 456 19.94 13.76 -12.33
C GLU A 456 18.78 13.39 -13.26
N GLY A 457 18.05 12.31 -12.98
CA GLY A 457 17.07 11.86 -13.95
C GLY A 457 15.76 12.66 -13.91
N LYS A 458 14.99 12.52 -14.96
CA LYS A 458 13.70 13.15 -15.02
C LYS A 458 12.63 12.21 -15.57
N ALA A 459 11.39 12.47 -15.18
CA ALA A 459 10.28 11.65 -15.63
C ALA A 459 9.11 12.54 -15.83
N ARG A 460 8.27 12.17 -16.80
CA ARG A 460 7.04 12.87 -16.99
C ARG A 460 5.94 11.83 -17.09
N ILE A 461 4.96 11.94 -16.20
CA ILE A 461 3.81 11.06 -16.20
C ILE A 461 2.63 11.87 -16.61
N LYS A 462 1.86 11.36 -17.56
CA LYS A 462 0.62 12.01 -17.95
C LYS A 462 -0.46 10.95 -17.85
N GLY A 463 -1.48 11.23 -17.07
CA GLY A 463 -2.49 10.20 -16.78
C GLY A 463 -3.96 10.64 -16.77
N VAL A 464 -4.83 9.65 -16.91
CA VAL A 464 -6.25 9.90 -16.80
C VAL A 464 -6.81 8.82 -15.95
N GLU A 465 -7.69 9.20 -14.99
CA GLU A 465 -8.47 8.25 -14.14
C GLU A 465 -9.96 8.53 -14.34
N ALA A 466 -10.71 7.48 -14.68
CA ALA A 466 -12.13 7.57 -14.82
C ALA A 466 -12.81 6.55 -13.92
N THR A 467 -13.69 6.99 -13.02
CA THR A 467 -14.47 6.05 -12.21
C THR A 467 -15.98 6.22 -12.26
N ALA A 468 -16.69 5.14 -11.98
CA ALA A 468 -18.13 5.27 -11.82
C ALA A 468 -18.64 4.12 -10.99
N ASN A 469 -19.72 4.35 -10.27
CA ASN A 469 -20.47 3.27 -9.64
C ASN A 469 -22.00 3.57 -9.71
N PHE A 470 -22.79 2.52 -9.93
CA PHE A 470 -24.21 2.65 -10.08
C PHE A 470 -24.82 1.29 -9.84
N ASP A 471 -26.13 1.27 -9.74
CA ASP A 471 -26.90 0.05 -9.57
C ASP A 471 -27.86 -0.10 -10.74
N THR A 472 -28.09 -1.31 -11.18
CA THR A 472 -29.03 -1.50 -12.26
C THR A 472 -30.20 -2.14 -11.66
N GLY A 473 -30.14 -3.38 -11.23
CA GLY A 473 -31.45 -3.72 -10.48
C GLY A 473 -31.04 -3.99 -9.07
N PRO A 474 -31.01 -5.28 -8.74
CA PRO A 474 -30.29 -5.84 -7.64
C PRO A 474 -28.77 -5.91 -7.87
N LEU A 475 -28.29 -5.54 -9.07
CA LEU A 475 -26.85 -5.57 -9.41
C LEU A 475 -26.14 -4.24 -9.12
N THR A 476 -24.96 -4.31 -8.49
CA THR A 476 -24.14 -3.11 -8.24
C THR A 476 -22.86 -3.16 -9.09
N HIS A 477 -22.59 -2.02 -9.73
CA HIS A 477 -21.46 -1.88 -10.66
C HIS A 477 -20.50 -0.88 -10.11
N THR A 478 -19.23 -1.29 -10.08
CA THR A 478 -18.10 -0.45 -9.65
C THR A 478 -16.97 -0.61 -10.68
N VAL A 479 -16.61 0.47 -11.35
CA VAL A 479 -15.78 0.42 -12.55
C VAL A 479 -14.78 1.57 -12.60
N SER A 480 -13.51 1.25 -12.92
CA SER A 480 -12.50 2.28 -13.26
C SER A 480 -11.68 2.04 -14.54
N TYR A 481 -11.19 3.13 -15.12
CA TYR A 481 -10.29 3.04 -16.21
C TYR A 481 -9.11 3.94 -15.88
N ASP A 482 -7.87 3.45 -16.06
CA ASP A 482 -6.64 4.26 -15.83
C ASP A 482 -5.85 4.37 -17.10
N TYR A 483 -5.49 5.57 -17.49
CA TYR A 483 -4.42 5.68 -18.48
C TYR A 483 -3.22 6.34 -17.79
N VAL A 484 -2.07 5.72 -17.98
CA VAL A 484 -0.79 6.23 -17.48
C VAL A 484 0.32 6.17 -18.59
N ASP A 485 0.76 7.34 -19.11
CA ASP A 485 1.91 7.47 -19.97
C ASP A 485 3.10 7.95 -19.09
N ALA A 486 3.89 7.00 -18.57
CA ALA A 486 5.03 7.31 -17.71
C ALA A 486 6.28 7.16 -18.55
N ARG A 487 7.03 8.27 -18.71
CA ARG A 487 8.28 8.20 -19.45
C ARG A 487 9.50 8.85 -18.78
N ASN A 488 10.68 8.43 -19.25
CA ASN A 488 11.90 9.10 -18.92
C ASN A 488 11.87 10.33 -19.76
N ALA A 489 11.89 11.49 -19.14
CA ALA A 489 11.59 12.72 -19.85
C ALA A 489 12.73 13.17 -20.71
N ILE A 490 13.95 12.74 -20.37
CA ILE A 490 15.13 13.05 -21.15
C ILE A 490 15.12 12.30 -22.48
N THR A 491 15.11 10.96 -22.39
CA THR A 491 15.12 10.05 -23.54
C THR A 491 13.75 9.77 -24.12
N ASP A 492 12.69 10.01 -23.34
CA ASP A 492 11.32 9.83 -23.82
C ASP A 492 10.92 8.36 -24.02
N THR A 493 11.64 7.44 -23.39
CA THR A 493 11.23 6.05 -23.46
C THR A 493 10.35 5.71 -22.28
N PRO A 494 9.47 4.74 -22.46
CA PRO A 494 8.58 4.30 -21.37
C PRO A 494 9.33 3.78 -20.17
N LEU A 495 8.87 4.12 -18.97
CA LEU A 495 9.38 3.55 -17.71
C LEU A 495 9.00 2.09 -17.71
N LEU A 496 9.80 1.22 -17.13
CA LEU A 496 9.55 -0.20 -17.15
C LEU A 496 8.49 -0.65 -16.14
N ARG A 497 7.86 -1.79 -16.44
CA ARG A 497 6.96 -2.50 -15.54
C ARG A 497 5.67 -1.81 -15.26
N ARG A 498 5.36 -0.72 -15.93
CA ARG A 498 4.08 -0.03 -15.71
C ARG A 498 3.05 -0.28 -16.85
N ALA A 499 1.92 -0.90 -16.51
CA ALA A 499 0.85 -1.12 -17.48
C ALA A 499 0.37 0.22 -18.03
N LYS A 500 0.36 0.47 -19.33
CA LYS A 500 -0.19 1.76 -19.88
C LYS A 500 -1.73 2.00 -19.60
N GLN A 501 -2.52 0.94 -19.56
CA GLN A 501 -3.96 1.08 -19.39
C GLN A 501 -4.45 -0.01 -18.51
N GLN A 502 -5.43 0.29 -17.66
CA GLN A 502 -6.06 -0.77 -16.91
C GLN A 502 -7.52 -0.53 -16.84
N VAL A 503 -8.26 -1.62 -16.85
CA VAL A 503 -9.68 -1.57 -16.72
C VAL A 503 -10.03 -2.53 -15.62
N LYS A 504 -10.89 -2.05 -14.72
CA LYS A 504 -11.29 -2.76 -13.49
C LYS A 504 -12.82 -2.72 -13.32
N TYR A 505 -13.42 -3.88 -13.05
CA TYR A 505 -14.86 -3.91 -12.97
C TYR A 505 -15.24 -4.93 -11.97
N GLN A 506 -16.08 -4.50 -11.04
CA GLN A 506 -16.65 -5.36 -10.00
C GLN A 506 -18.19 -5.34 -10.18
N LEU A 507 -18.77 -6.51 -10.16
CA LEU A 507 -20.21 -6.67 -10.32
C LEU A 507 -20.74 -7.49 -9.16
N ASP A 508 -21.63 -6.87 -8.37
CA ASP A 508 -22.11 -7.45 -7.10
C ASP A 508 -23.62 -7.64 -7.12
N TRP A 509 -24.10 -8.80 -6.64
CA TRP A 509 -25.54 -8.94 -6.43
C TRP A 509 -25.91 -10.04 -5.45
N GLN A 510 -27.14 -9.95 -4.90
CA GLN A 510 -27.68 -10.98 -4.01
C GLN A 510 -28.91 -11.66 -4.60
N LEU A 511 -28.82 -12.96 -4.86
CA LEU A 511 -30.03 -13.71 -5.23
C LEU A 511 -30.24 -14.94 -4.37
N TYR A 512 -31.45 -15.00 -3.83
CA TYR A 512 -31.78 -15.83 -2.72
C TYR A 512 -30.83 -15.35 -1.65
N ASP A 513 -30.26 -16.23 -0.87
CA ASP A 513 -29.34 -15.71 0.13
C ASP A 513 -27.87 -15.87 -0.31
N PHE A 514 -27.64 -16.06 -1.61
CA PHE A 514 -26.28 -16.20 -2.15
C PHE A 514 -25.76 -14.83 -2.56
N ASP A 515 -24.59 -14.46 -2.01
CA ASP A 515 -23.92 -13.19 -2.29
C ASP A 515 -22.83 -13.48 -3.31
N TRP A 516 -23.03 -12.95 -4.53
CA TRP A 516 -22.07 -13.13 -5.64
C TRP A 516 -21.24 -11.89 -5.90
N GLY A 517 -20.00 -12.14 -6.28
CA GLY A 517 -19.10 -11.08 -6.71
C GLY A 517 -18.30 -11.55 -7.90
N ILE A 518 -18.33 -10.79 -9.01
CA ILE A 518 -17.48 -11.07 -10.16
C ILE A 518 -16.48 -9.94 -10.33
N THR A 519 -15.20 -10.28 -10.52
CA THR A 519 -14.15 -9.26 -10.66
C THR A 519 -13.47 -9.43 -12.00
N TYR A 520 -13.51 -8.40 -12.84
CA TYR A 520 -12.72 -8.37 -14.08
C TYR A 520 -11.60 -7.36 -13.97
N GLN A 521 -10.47 -7.67 -14.60
CA GLN A 521 -9.41 -6.69 -14.77
C GLN A 521 -8.72 -6.88 -16.12
N TYR A 522 -8.52 -5.80 -16.86
CA TYR A 522 -7.58 -5.83 -17.97
C TYR A 522 -6.27 -5.16 -17.58
N LEU A 523 -5.17 -5.87 -17.81
CA LEU A 523 -3.84 -5.37 -17.56
C LEU A 523 -3.18 -5.12 -18.90
N GLY A 524 -2.97 -3.85 -19.23
CA GLY A 524 -2.41 -3.50 -20.52
C GLY A 524 -0.91 -3.83 -20.76
N THR A 525 -0.46 -3.28 -21.88
CA THR A 525 0.82 -3.56 -22.39
C THR A 525 1.81 -3.02 -21.41
N ARG A 526 2.86 -3.80 -21.12
CA ARG A 526 3.95 -3.32 -20.30
C ARG A 526 5.32 -3.81 -20.78
N TYR A 527 6.37 -3.11 -20.34
CA TYR A 527 7.75 -3.34 -20.78
C TYR A 527 8.63 -3.78 -19.63
N ASP A 528 9.48 -4.78 -19.85
CA ASP A 528 10.43 -5.19 -18.83
C ASP A 528 11.73 -5.60 -19.49
N LYS A 529 12.79 -5.77 -18.69
CA LYS A 529 14.11 -6.13 -19.19
C LYS A 529 14.14 -7.66 -19.18
N ASP A 530 14.71 -8.29 -20.21
CA ASP A 530 14.97 -9.72 -20.19
C ASP A 530 16.38 -9.89 -19.59
N TYR A 531 16.49 -10.57 -18.45
CA TYR A 531 17.75 -10.74 -17.77
C TYR A 531 18.53 -11.99 -18.21
N SER A 532 18.04 -12.74 -19.18
CA SER A 532 18.75 -14.01 -19.58
C SER A 532 20.01 -13.85 -20.47
N SER A 533 20.19 -12.65 -21.00
CA SER A 533 21.30 -12.35 -21.90
C SER A 533 21.74 -10.93 -21.64
N TYR A 534 23.04 -10.74 -21.49
CA TYR A 534 23.60 -9.46 -21.30
C TYR A 534 23.77 -8.87 -22.65
N PRO A 535 23.98 -7.56 -22.70
CA PRO A 535 23.12 -6.44 -22.39
C PRO A 535 21.64 -6.79 -22.42
N TYR A 536 20.95 -6.27 -21.43
CA TYR A 536 19.63 -6.72 -21.10
C TYR A 536 18.68 -5.97 -22.02
N GLN A 537 17.91 -6.72 -22.81
CA GLN A 537 16.96 -6.17 -23.77
C GLN A 537 15.60 -5.89 -23.16
N THR A 538 15.00 -4.80 -23.61
CA THR A 538 13.68 -4.49 -23.19
C THR A 538 12.73 -5.24 -24.08
N VAL A 539 11.70 -5.81 -23.46
CA VAL A 539 10.72 -6.62 -24.18
C VAL A 539 9.29 -6.15 -23.85
N LYS A 540 8.37 -6.47 -24.74
CA LYS A 540 6.98 -5.99 -24.71
C LYS A 540 6.14 -7.12 -24.15
N MET A 541 5.46 -6.91 -23.02
CA MET A 541 4.51 -7.92 -22.51
C MET A 541 3.10 -7.54 -22.95
N GLY A 542 2.39 -8.53 -23.43
CA GLY A 542 1.22 -8.33 -24.24
C GLY A 542 0.01 -7.80 -23.53
N GLY A 543 -0.40 -8.37 -22.44
CA GLY A 543 -1.66 -7.82 -21.96
C GLY A 543 -2.85 -8.74 -22.02
N VAL A 544 -3.64 -8.68 -20.98
CA VAL A 544 -4.47 -9.79 -20.61
C VAL A 544 -5.69 -9.35 -19.78
N SER A 545 -6.69 -10.22 -19.87
CA SER A 545 -7.90 -10.17 -19.16
C SER A 545 -7.86 -11.28 -18.11
N LEU A 546 -8.48 -11.02 -16.96
CA LEU A 546 -8.55 -11.92 -15.82
C LEU A 546 -9.90 -11.77 -15.14
N TRP A 547 -10.42 -12.88 -14.69
CA TRP A 547 -11.69 -12.92 -14.05
C TRP A 547 -11.58 -13.66 -12.72
N ASP A 548 -12.34 -13.21 -11.71
CA ASP A 548 -12.63 -14.05 -10.56
C ASP A 548 -14.12 -14.09 -10.27
N LEU A 549 -14.52 -15.13 -9.54
CA LEU A 549 -15.89 -15.37 -9.18
C LEU A 549 -15.90 -15.76 -7.72
N ALA A 550 -16.69 -15.03 -6.90
CA ALA A 550 -16.74 -15.27 -5.48
C ALA A 550 -18.20 -15.43 -4.96
N VAL A 551 -18.43 -16.46 -4.13
CA VAL A 551 -19.72 -16.69 -3.51
C VAL A 551 -19.61 -16.73 -2.02
N ALA A 552 -20.64 -16.20 -1.34
CA ALA A 552 -20.79 -16.36 0.12
C ALA A 552 -22.22 -16.83 0.46
N TYR A 553 -22.36 -17.60 1.53
CA TYR A 553 -23.69 -18.02 1.96
C TYR A 553 -23.81 -18.08 3.48
N PRO A 554 -24.83 -17.41 4.05
CA PRO A 554 -25.10 -17.46 5.51
C PRO A 554 -25.83 -18.73 5.91
N VAL A 555 -25.07 -19.75 6.26
CA VAL A 555 -25.60 -21.08 6.50
C VAL A 555 -26.56 -21.02 7.65
N THR A 556 -26.13 -20.36 8.73
CA THR A 556 -27.02 -19.94 9.81
C THR A 556 -26.70 -18.48 10.08
N SER A 557 -27.24 -17.91 11.16
CA SER A 557 -26.97 -16.52 11.50
C SER A 557 -25.57 -16.32 12.05
N HIS A 558 -24.93 -17.40 12.49
CA HIS A 558 -23.57 -17.34 13.04
C HIS A 558 -22.50 -17.76 12.00
N LEU A 559 -22.90 -18.57 11.03
CA LEU A 559 -21.98 -19.25 10.11
C LEU A 559 -22.15 -18.80 8.66
N THR A 560 -21.11 -18.19 8.12
CA THR A 560 -21.04 -17.88 6.69
C THR A 560 -19.99 -18.79 6.06
N VAL A 561 -20.26 -19.26 4.86
CA VAL A 561 -19.35 -20.11 4.09
C VAL A 561 -19.14 -19.51 2.69
N ARG A 562 -17.92 -19.63 2.18
CA ARG A 562 -17.54 -18.93 0.97
C ARG A 562 -16.62 -19.71 0.08
N GLY A 563 -16.80 -19.47 -1.21
CA GLY A 563 -15.98 -20.07 -2.25
C GLY A 563 -15.50 -19.00 -3.21
N LYS A 564 -14.32 -19.24 -3.79
CA LYS A 564 -13.77 -18.35 -4.77
C LYS A 564 -13.11 -19.18 -5.86
N ILE A 565 -13.15 -18.69 -7.10
CA ILE A 565 -12.26 -19.14 -8.17
C ILE A 565 -11.48 -17.91 -8.67
N ALA A 566 -10.19 -17.84 -8.37
CA ALA A 566 -9.34 -16.74 -8.85
C ALA A 566 -8.72 -17.16 -10.18
N ASN A 567 -8.60 -16.19 -11.08
CA ASN A 567 -8.17 -16.43 -12.46
C ASN A 567 -9.03 -17.54 -13.13
N LEU A 568 -10.30 -17.28 -13.32
CA LEU A 568 -11.31 -18.29 -13.73
C LEU A 568 -10.97 -19.05 -15.03
N PHE A 569 -10.58 -18.31 -16.04
CA PHE A 569 -10.05 -18.89 -17.26
C PHE A 569 -8.62 -19.17 -16.90
N ASP A 570 -7.91 -20.14 -17.43
CA ASP A 570 -6.71 -20.51 -16.62
C ASP A 570 -5.54 -19.72 -17.16
N LYS A 571 -5.64 -18.42 -17.08
CA LYS A 571 -4.87 -17.56 -17.97
C LYS A 571 -3.43 -17.44 -17.46
N ASP A 572 -2.46 -17.77 -18.31
CA ASP A 572 -1.03 -17.74 -18.00
C ASP A 572 -0.47 -16.37 -18.39
N TYR A 573 0.12 -15.65 -17.46
CA TYR A 573 0.68 -14.33 -17.74
C TYR A 573 1.73 -13.98 -16.71
N GLU A 574 2.44 -12.89 -16.94
CA GLU A 574 3.42 -12.43 -15.96
C GLU A 574 3.31 -10.93 -15.81
N THR A 575 3.63 -10.43 -14.59
CA THR A 575 3.74 -9.00 -14.36
C THR A 575 5.19 -8.60 -14.16
N VAL A 576 6.08 -9.56 -13.93
CA VAL A 576 7.51 -9.34 -14.08
C VAL A 576 8.05 -10.41 -15.03
N TYR A 577 8.83 -9.99 -16.04
CA TYR A 577 9.26 -10.91 -17.10
C TYR A 577 9.95 -12.12 -16.48
N GLY A 578 9.49 -13.33 -16.78
CA GLY A 578 10.11 -14.54 -16.20
C GLY A 578 9.55 -15.06 -14.87
N TYR A 579 8.69 -14.30 -14.19
CA TYR A 579 8.09 -14.77 -12.95
C TYR A 579 6.63 -15.27 -13.18
N GLN A 580 6.39 -16.55 -12.95
CA GLN A 580 5.09 -17.15 -13.22
C GLN A 580 4.09 -16.61 -12.20
N THR A 581 2.91 -16.25 -12.69
CA THR A 581 1.77 -15.98 -11.79
C THR A 581 0.90 -17.22 -11.59
N ALA A 582 -0.03 -17.05 -10.64
CA ALA A 582 -0.93 -18.09 -10.07
C ALA A 582 -1.64 -19.12 -11.00
N GLY A 583 -2.34 -18.67 -12.03
CA GLY A 583 -3.22 -19.62 -12.75
C GLY A 583 -4.49 -19.84 -11.93
N ARG A 584 -5.33 -20.79 -12.29
CA ARG A 584 -6.61 -20.97 -11.61
C ARG A 584 -6.47 -21.52 -10.20
N GLU A 585 -7.09 -20.85 -9.24
CA GLU A 585 -7.09 -21.26 -7.84
C GLU A 585 -8.49 -21.24 -7.18
N TYR A 586 -8.73 -22.27 -6.36
CA TYR A 586 -9.95 -22.42 -5.59
C TYR A 586 -9.68 -22.14 -4.15
N THR A 587 -10.67 -21.60 -3.49
CA THR A 587 -10.59 -21.30 -2.09
C THR A 587 -11.97 -21.63 -1.52
N LEU A 588 -11.98 -22.12 -0.29
CA LEU A 588 -13.21 -22.48 0.39
C LEU A 588 -12.99 -22.09 1.83
N SER A 589 -13.85 -21.26 2.37
CA SER A 589 -13.62 -20.80 3.73
C SER A 589 -14.89 -20.71 4.54
N GLY A 590 -14.70 -20.45 5.83
CA GLY A 590 -15.80 -20.27 6.76
C GLY A 590 -15.50 -19.35 7.94
N SER A 591 -16.58 -18.83 8.53
CA SER A 591 -16.55 -17.97 9.69
C SER A 591 -17.70 -18.34 10.60
N TYR A 592 -17.39 -18.77 11.81
CA TYR A 592 -18.38 -18.80 12.86
C TYR A 592 -18.21 -17.56 13.72
N THR A 593 -19.20 -16.70 13.70
CA THR A 593 -19.24 -15.56 14.63
C THR A 593 -20.09 -15.95 15.81
N PHE A 594 -19.86 -15.34 16.96
CA PHE A 594 -20.77 -15.45 18.10
C PHE A 594 -20.52 -14.43 19.17
#